data_8Q5O
#
_entry.id   8Q5O
#
_cell.length_a   95.995
_cell.length_b   95.995
_cell.length_c   96.307
_cell.angle_alpha   90.000
_cell.angle_beta   90.000
_cell.angle_gamma   120.000
#
_symmetry.space_group_name_H-M   'P 32 2 1'
#
loop_
_entity.id
_entity.type
_entity.pdbx_description
1 polymer 'Restriction endonuclease (Eco15I)'
2 polymer "DNA (5'-D(*CP*TP*GP*(5CM)P*TP*GP*(5CM)P*TP*C)-3')"
3 polymer "DNA (5'-D(*GP*AP*GP*(5CM)P*AP*GP*(5CM)P*AP*G)-3')"
4 non-polymer 'CALCIUM ION'
5 water water
#
loop_
_entity_poly.entity_id
_entity_poly.type
_entity_poly.pdbx_seq_one_letter_code
_entity_poly.pdbx_strand_id
1 'polypeptide(L)'
;GSSYDWLNALNNLELLSLHSEILTQLRSRGVIRTKNNPVGDYAEWLVSNALGMTLLSNSSAGADAIDADGLKVQIKARRV
TPDNPSRQLSALRNYEAADFDYLIAVIFDETYNILDAYKIPHEVIRDYARHSDHVNAHIVNLKGAILTDPRVSSIKEDLI
VRSSASVNEAAMQT
;
A,B
2 'polydeoxyribonucleotide' (DC)(DT)(DG)(5CM)(DT)(DG)(5CM)(DT)(DC) C
3 'polydeoxyribonucleotide' (DG)(DA)(DG)(5CM)(DA)(DG)(5CM)(DA)(DG) D
#
# COMPACT_ATOMS: atom_id res chain seq x y z
N SER A 3 -19.37 0.33 20.48
CA SER A 3 -18.98 -1.11 20.49
C SER A 3 -18.81 -1.61 19.05
N TYR A 4 -17.66 -2.26 18.82
CA TYR A 4 -17.32 -2.76 17.49
C TYR A 4 -17.55 -4.27 17.40
N ASP A 5 -18.38 -4.83 18.31
CA ASP A 5 -18.55 -6.27 18.40
C ASP A 5 -19.67 -6.76 17.48
N TRP A 6 -20.40 -5.84 16.84
CA TRP A 6 -21.46 -6.20 15.89
C TRP A 6 -20.88 -6.69 14.55
N LEU A 7 -19.60 -6.46 14.31
CA LEU A 7 -18.99 -6.87 13.04
C LEU A 7 -18.63 -8.36 13.01
N ASN A 8 -18.75 -9.08 14.13
CA ASN A 8 -18.61 -10.54 14.10
C ASN A 8 -19.78 -11.16 13.36
N ALA A 9 -20.90 -10.44 13.25
CA ALA A 9 -22.10 -10.93 12.60
C ALA A 9 -21.95 -10.87 11.08
N LEU A 10 -21.26 -9.85 10.58
CA LEU A 10 -21.03 -9.75 9.14
C LEU A 10 -19.99 -10.78 8.74
N ASN A 11 -20.19 -11.30 7.53
CA ASN A 11 -19.23 -12.29 6.99
C ASN A 11 -18.02 -11.57 6.41
N ASN A 12 -17.13 -12.31 5.77
CA ASN A 12 -15.92 -11.78 5.19
C ASN A 12 -16.24 -10.79 4.07
N LEU A 13 -17.18 -11.13 3.17
CA LEU A 13 -17.56 -10.25 2.07
C LEU A 13 -18.08 -8.92 2.59
N GLU A 14 -18.99 -8.99 3.58
CA GLU A 14 -19.65 -7.81 4.08
C GLU A 14 -18.66 -6.91 4.81
N LEU A 15 -17.69 -7.52 5.53
CA LEU A 15 -16.69 -6.75 6.25
C LEU A 15 -15.83 -5.98 5.26
N SER A 17 -16.57 -5.21 2.13
CA SER A 17 -17.39 -4.27 1.37
C SER A 17 -17.60 -3.01 2.20
N LEU A 18 -17.72 -3.15 3.52
CA LEU A 18 -17.95 -1.95 4.37
C LEU A 18 -16.69 -1.08 4.43
N HIS A 19 -15.51 -1.71 4.33
CA HIS A 19 -14.22 -0.96 4.40
C HIS A 19 -14.09 -0.15 3.12
N SER A 20 -14.53 -0.74 2.01
CA SER A 20 -14.55 0.02 0.73
C SER A 20 -15.48 1.21 0.90
N GLU A 21 -16.63 1.00 1.53
CA GLU A 21 -17.63 2.10 1.68
C GLU A 21 -17.02 3.21 2.55
N ILE A 22 -16.23 2.85 3.55
CA ILE A 22 -15.69 3.89 4.45
C ILE A 22 -14.70 4.71 3.63
N LEU A 23 -13.94 4.04 2.78
CA LEU A 23 -12.95 4.74 1.94
C LEU A 23 -13.73 5.69 1.04
N THR A 24 -14.86 5.22 0.49
CA THR A 24 -15.72 6.08 -0.37
C THR A 24 -16.12 7.33 0.40
N GLN A 25 -16.58 7.16 1.65
CA GLN A 25 -17.00 8.32 2.47
C GLN A 25 -15.82 9.27 2.69
N LEU A 26 -14.68 8.74 3.11
CA LEU A 26 -13.52 9.61 3.42
C LEU A 26 -13.12 10.35 2.15
N ARG A 27 -13.12 9.65 1.01
CA ARG A 27 -12.80 10.31 -0.24
C ARG A 27 -13.80 11.46 -0.45
N SER A 28 -15.09 11.17 -0.35
CA SER A 28 -16.12 12.13 -0.67
C SER A 28 -16.08 13.32 0.29
N ARG A 29 -15.46 13.13 1.46
CA ARG A 29 -15.33 14.21 2.42
C ARG A 29 -14.06 15.03 2.15
N GLY A 30 -13.18 14.57 1.26
CA GLY A 30 -11.91 15.26 1.05
C GLY A 30 -10.72 14.70 1.85
N VAL A 31 -10.93 13.71 2.71
CA VAL A 31 -9.90 13.29 3.64
C VAL A 31 -8.80 12.53 2.91
N ILE A 32 -9.22 11.67 1.98
CA ILE A 32 -8.29 10.87 1.18
C ILE A 32 -8.57 11.12 -0.29
N ARG A 33 -7.53 11.10 -1.12
CA ARG A 33 -7.68 11.18 -2.57
C ARG A 33 -7.71 9.77 -3.15
N THR A 34 -6.65 9.00 -2.90
CA THR A 34 -6.43 7.71 -3.53
C THR A 34 -7.09 6.59 -2.70
N LYS A 35 -7.21 5.42 -3.34
CA LYS A 35 -7.70 4.20 -2.74
C LYS A 35 -6.55 3.37 -2.11
N ASN A 36 -5.63 4.08 -1.48
CA ASN A 36 -4.42 3.48 -0.95
C ASN A 36 -4.63 3.22 0.54
N ASN A 37 -3.51 3.05 1.26
CA ASN A 37 -3.56 2.96 2.71
C ASN A 37 -4.05 4.29 3.26
N PRO A 38 -5.18 4.31 4.01
CA PRO A 38 -5.78 5.55 4.45
C PRO A 38 -4.93 6.43 5.37
N VAL A 39 -3.91 5.85 6.04
CA VAL A 39 -3.01 6.63 6.88
C VAL A 39 -2.25 7.69 6.05
N GLY A 40 -1.79 7.34 4.84
CA GLY A 40 -0.91 8.22 4.10
C GLY A 40 -1.57 9.52 3.65
N ASP A 41 -2.80 9.40 3.16
CA ASP A 41 -3.56 10.59 2.67
C ASP A 41 -4.07 11.39 3.86
N TYR A 42 -4.44 10.72 4.95
CA TYR A 42 -4.89 11.46 6.10
C TYR A 42 -3.74 12.30 6.67
N ALA A 43 -2.52 11.79 6.58
CA ALA A 43 -1.35 12.55 7.00
C ALA A 43 -1.25 13.84 6.17
N GLU A 44 -1.22 13.72 4.84
CA GLU A 44 -1.27 14.87 3.95
C GLU A 44 -2.41 15.82 4.33
N TRP A 45 -3.59 15.26 4.60
CA TRP A 45 -4.78 16.04 4.91
C TRP A 45 -4.58 16.85 6.20
N LEU A 46 -4.06 16.20 7.25
CA LEU A 46 -3.89 16.88 8.52
C LEU A 46 -2.82 17.95 8.40
N VAL A 47 -1.65 17.62 7.83
CA VAL A 47 -0.56 18.57 7.74
C VAL A 47 -0.98 19.77 6.87
N SER A 48 -1.73 19.53 5.79
CA SER A 48 -2.09 20.57 4.84
C SER A 48 -2.96 21.64 5.50
N ASN A 49 -4.06 21.20 6.11
CA ASN A 49 -4.99 22.13 6.74
C ASN A 49 -4.38 22.81 7.96
N ALA A 50 -3.50 22.10 8.69
CA ALA A 50 -3.00 22.61 9.97
C ALA A 50 -2.13 23.85 9.75
N LEU A 51 -1.02 23.69 9.04
CA LEU A 51 -0.04 24.76 8.90
C LEU A 51 -0.15 25.45 7.53
N GLY A 52 -1.30 25.29 6.87
CA GLY A 52 -1.63 26.07 5.69
C GLY A 52 -0.70 25.73 4.53
N MET A 53 -1.04 24.64 3.85
CA MET A 53 -0.21 24.13 2.78
C MET A 53 -1.10 23.72 1.62
N THR A 54 -0.67 24.07 0.41
CA THR A 54 -1.37 23.66 -0.79
C THR A 54 -0.78 22.30 -1.17
N LEU A 55 -1.63 21.28 -1.16
CA LEU A 55 -1.20 19.95 -1.52
C LEU A 55 -0.75 19.89 -2.96
N LEU A 56 0.02 18.85 -3.30
CA LEU A 56 0.43 18.64 -4.71
C LEU A 56 0.05 17.22 -5.12
N SER A 57 -0.90 17.06 -6.03
CA SER A 57 -1.35 15.68 -6.43
C SER A 57 -0.19 14.97 -7.11
N ASN A 58 0.76 15.74 -7.64
CA ASN A 58 1.90 15.15 -8.37
C ASN A 58 3.07 14.85 -7.42
N SER A 59 2.88 13.90 -6.50
CA SER A 59 3.98 13.51 -5.57
C SER A 59 5.08 12.84 -6.39
N SER A 60 4.90 12.78 -7.72
CA SER A 60 5.89 12.12 -8.61
C SER A 60 7.32 12.50 -8.21
N ALA A 61 8.10 11.52 -7.77
CA ALA A 61 9.51 11.76 -7.39
C ALA A 61 9.67 13.22 -6.97
N GLY A 62 8.86 13.63 -5.99
CA GLY A 62 8.95 15.01 -5.50
C GLY A 62 8.19 15.16 -4.20
N ALA A 63 7.97 16.39 -3.77
CA ALA A 63 7.30 16.63 -2.48
C ALA A 63 5.81 16.29 -2.60
N ASP A 64 5.03 16.69 -1.61
CA ASP A 64 3.57 16.42 -1.63
C ASP A 64 2.85 17.71 -1.25
N ALA A 65 3.61 18.78 -0.96
CA ALA A 65 2.97 20.00 -0.49
C ALA A 65 3.94 21.18 -0.54
N ILE A 66 3.42 22.39 -0.44
CA ILE A 66 4.27 23.61 -0.42
C ILE A 66 3.80 24.49 0.74
N ASP A 67 4.73 24.95 1.57
CA ASP A 67 4.37 25.80 2.74
C ASP A 67 3.96 27.18 2.22
N ALA A 68 3.78 28.15 3.12
CA ALA A 68 3.43 29.53 2.70
C ALA A 68 4.70 30.32 2.38
N ASP A 69 5.86 29.68 2.45
CA ASP A 69 7.12 30.37 2.07
C ASP A 69 7.61 29.82 0.72
N GLY A 70 6.82 28.94 0.09
CA GLY A 70 7.18 28.45 -1.27
C GLY A 70 8.07 27.22 -1.22
N LEU A 71 8.21 26.63 -0.04
CA LEU A 71 9.13 25.49 0.11
C LEU A 71 8.39 24.17 -0.12
N LYS A 72 8.98 23.27 -0.91
CA LYS A 72 8.38 21.94 -1.18
C LYS A 72 8.45 21.07 0.09
N VAL A 73 7.37 20.34 0.39
CA VAL A 73 7.34 19.50 1.61
C VAL A 73 7.00 18.06 1.21
N GLN A 74 7.79 17.10 1.70
CA GLN A 74 7.47 15.67 1.45
C GLN A 74 6.69 15.17 2.67
N ILE A 75 5.49 14.63 2.43
CA ILE A 75 4.66 14.15 3.56
C ILE A 75 4.70 12.63 3.58
N ALA A 77 4.12 9.19 6.46
CA ALA A 77 3.66 8.83 7.82
C ALA A 77 3.68 7.31 8.02
N ARG A 78 3.55 6.88 9.27
CA ARG A 78 3.49 5.43 9.57
C ARG A 78 2.58 5.23 10.78
N ARG A 79 1.76 4.19 10.77
CA ARG A 79 0.81 3.97 11.89
C ARG A 79 1.27 2.77 12.72
N VAL A 80 2.02 3.02 13.80
CA VAL A 80 2.44 1.92 14.71
C VAL A 80 1.43 1.88 15.85
N THR A 81 0.40 1.04 15.73
CA THR A 81 -0.66 1.04 16.77
C THR A 81 -0.07 1.55 18.09
N ASP A 83 0.89 -4.37 14.69
CA ASP A 83 1.17 -5.59 15.48
C ASP A 83 2.68 -5.78 15.60
N ASN A 84 3.46 -5.16 14.70
CA ASN A 84 4.93 -5.22 14.78
C ASN A 84 5.48 -3.80 14.82
N PRO A 85 6.13 -3.36 15.93
CA PRO A 85 6.62 -1.98 16.04
C PRO A 85 7.79 -1.69 15.09
N SER A 86 7.51 -1.01 13.97
CA SER A 86 8.59 -0.61 13.03
C SER A 86 8.28 0.80 12.51
N ARG A 87 9.29 1.65 12.36
CA ARG A 87 9.04 3.06 11.97
C ARG A 87 9.76 3.41 10.65
N GLN A 88 10.14 2.40 9.87
CA GLN A 88 10.75 2.67 8.54
C GLN A 88 9.78 3.56 7.76
N LEU A 89 10.25 4.68 7.24
CA LEU A 89 9.38 5.59 6.45
C LEU A 89 9.28 5.03 5.02
N SER A 90 8.26 5.47 4.26
CA SER A 90 8.12 5.02 2.85
C SER A 90 9.42 5.29 2.09
N ALA A 91 9.62 4.65 0.94
CA ALA A 91 10.89 4.79 0.19
C ALA A 91 11.14 6.21 -0.28
N LEU A 92 12.42 6.60 -0.37
CA LEU A 92 12.79 7.93 -0.91
C LEU A 92 13.66 7.68 -2.13
N ARG A 93 13.20 8.05 -3.32
CA ARG A 93 13.95 7.74 -4.56
C ARG A 93 14.48 9.04 -5.18
N ASN A 94 15.63 8.96 -5.85
CA ASN A 94 16.25 10.10 -6.49
C ASN A 94 16.35 11.22 -5.46
N TYR A 95 17.09 10.97 -4.38
CA TYR A 95 17.15 12.01 -3.34
C TYR A 95 18.32 12.94 -3.64
N GLU A 96 19.29 12.48 -4.44
CA GLU A 96 20.48 13.25 -4.67
C GLU A 96 20.15 14.56 -5.41
N ALA A 97 18.87 14.77 -5.79
CA ALA A 97 18.50 15.85 -6.69
C ALA A 97 17.86 17.03 -5.93
N ALA A 98 17.72 16.89 -4.61
CA ALA A 98 17.16 17.96 -3.79
C ALA A 98 15.76 18.31 -4.28
N ASP A 99 14.83 17.35 -4.16
CA ASP A 99 13.48 17.51 -4.69
C ASP A 99 12.50 18.01 -3.62
N PHE A 100 13.01 18.39 -2.45
CA PHE A 100 12.17 18.88 -1.37
C PHE A 100 13.04 19.70 -0.43
N ASP A 101 12.40 20.65 0.25
CA ASP A 101 13.09 21.60 1.09
C ASP A 101 13.08 21.13 2.55
N TYR A 102 11.98 20.48 2.99
CA TYR A 102 11.94 19.77 4.27
C TYR A 102 10.86 18.67 4.24
N LEU A 103 10.95 17.72 5.19
CA LEU A 103 10.04 16.57 5.25
C LEU A 103 9.28 16.59 6.57
N ILE A 104 8.03 16.14 6.54
CA ILE A 104 7.21 16.00 7.73
C ILE A 104 6.79 14.53 7.88
N ALA A 105 7.27 13.91 8.96
CA ALA A 105 7.01 12.51 9.24
C ALA A 105 6.21 12.40 10.53
N VAL A 106 5.15 11.58 10.50
CA VAL A 106 4.16 11.52 11.55
C VAL A 106 3.88 10.07 11.87
N ILE A 107 3.70 9.77 13.18
CA ILE A 107 3.34 8.44 13.64
C ILE A 107 1.90 8.43 14.13
N PHE A 108 1.14 7.40 13.71
CA PHE A 108 -0.23 7.21 14.13
C PHE A 108 -0.39 5.94 14.95
N ASP A 109 -1.53 5.76 15.65
CA ASP A 109 -1.66 4.63 16.61
C ASP A 109 -2.67 3.56 16.21
N GLU A 110 -3.03 3.45 14.93
CA GLU A 110 -3.94 2.35 14.51
C GLU A 110 -5.14 2.29 15.46
N TYR A 112 -6.14 5.66 14.67
CA TYR A 112 -5.30 6.55 13.83
C TYR A 112 -5.07 7.90 14.52
N ASN A 113 -4.66 7.87 15.79
CA ASN A 113 -4.41 9.08 16.55
C ASN A 113 -2.93 9.43 16.51
N ILE A 114 -2.65 10.74 16.60
CA ILE A 114 -1.30 11.27 16.45
C ILE A 114 -0.49 10.91 17.68
N LEU A 115 0.78 10.54 17.45
CA LEU A 115 1.72 10.28 18.55
C LEU A 115 2.92 11.21 18.41
N ASP A 116 3.63 11.15 17.27
CA ASP A 116 4.80 11.98 17.06
C ASP A 116 4.72 12.66 15.68
N ALA A 117 5.60 13.64 15.45
CA ALA A 117 5.59 14.41 14.22
C ALA A 117 6.87 15.25 14.13
N TYR A 118 7.59 15.13 13.01
CA TYR A 118 8.89 15.81 12.86
C TYR A 118 9.14 16.48 11.53
N LYS A 119 9.94 17.54 11.55
CA LYS A 119 10.27 18.27 10.33
C LYS A 119 11.75 18.14 10.11
N ILE A 120 12.15 17.63 8.96
CA ILE A 120 13.56 17.37 8.71
C ILE A 120 14.04 17.91 7.40
N PRO A 121 15.06 18.75 7.44
CA PRO A 121 15.62 19.29 6.22
C PRO A 121 16.16 18.17 5.36
N HIS A 122 16.28 18.41 4.06
CA HIS A 122 16.75 17.38 3.15
C HIS A 122 18.12 16.88 3.54
N GLU A 123 18.88 17.73 4.20
CA GLU A 123 20.23 17.37 4.59
C GLU A 123 20.29 16.33 5.68
N VAL A 124 19.51 16.53 6.74
CA VAL A 124 19.57 15.61 7.84
C VAL A 124 19.28 14.21 7.34
N ILE A 125 18.57 14.12 6.24
CA ILE A 125 18.21 12.83 5.72
C ILE A 125 19.45 12.11 5.33
N ARG A 126 20.33 12.81 4.62
CA ARG A 126 21.54 12.18 4.16
C ARG A 126 22.27 11.48 5.30
N ASP A 127 22.31 12.10 6.47
CA ASP A 127 23.06 11.52 7.57
C ASP A 127 22.21 10.55 8.35
N TYR A 128 21.06 10.17 7.81
CA TYR A 128 20.27 9.16 8.48
C TYR A 128 19.64 8.24 7.47
N ALA A 129 20.31 8.01 6.36
CA ALA A 129 19.70 7.19 5.34
C ALA A 129 20.66 6.19 4.75
N ARG A 130 20.13 5.06 4.34
CA ARG A 130 20.95 4.01 3.77
C ARG A 130 20.33 3.61 2.47
N HIS A 131 21.12 3.12 1.54
CA HIS A 131 20.57 2.81 0.23
C HIS A 131 20.40 1.34 -0.02
N SER A 132 19.29 0.98 -0.65
CA SER A 132 19.06 -0.40 -1.01
C SER A 132 19.07 -0.52 -2.50
N ASP A 133 19.97 -1.33 -3.03
CA ASP A 133 19.98 -1.56 -4.46
C ASP A 133 18.72 -2.32 -4.89
N HIS A 134 18.24 -3.21 -4.04
CA HIS A 134 17.07 -4.01 -4.37
C HIS A 134 15.85 -3.18 -4.76
N VAL A 135 15.58 -2.12 -4.03
CA VAL A 135 14.41 -1.31 -4.29
C VAL A 135 14.82 0.04 -4.85
N ASN A 136 16.11 0.25 -5.00
CA ASN A 136 16.61 1.52 -5.52
C ASN A 136 16.05 2.69 -4.74
N ALA A 137 16.27 2.71 -3.44
CA ALA A 137 15.78 3.79 -2.63
C ALA A 137 16.57 3.93 -1.33
N HIS A 138 16.63 5.15 -0.81
CA HIS A 138 17.33 5.39 0.42
C HIS A 138 16.34 5.19 1.48
N ILE A 139 16.67 4.36 2.46
CA ILE A 139 15.71 4.04 3.49
C ILE A 139 16.03 4.71 4.80
N VAL A 140 14.99 5.13 5.49
CA VAL A 140 15.17 5.81 6.75
C VAL A 140 14.22 5.25 7.79
N ASN A 141 14.63 5.31 9.03
CA ASN A 141 13.77 4.83 10.09
C ASN A 141 13.66 5.92 11.12
N LEU A 142 12.44 6.22 11.53
CA LEU A 142 12.21 7.28 12.49
C LEU A 142 12.36 6.72 13.88
N LYS A 143 13.54 6.19 14.18
CA LYS A 143 13.75 5.58 15.48
C LYS A 143 15.03 6.06 16.11
N GLY A 144 14.94 6.49 17.36
CA GLY A 144 16.13 6.90 18.08
C GLY A 144 16.89 8.15 17.72
N ALA A 145 18.08 7.98 17.17
CA ALA A 145 18.95 9.12 16.91
C ALA A 145 18.31 10.31 16.25
N ILE A 146 17.86 10.14 15.02
CA ILE A 146 17.31 11.26 14.27
C ILE A 146 16.24 12.00 15.02
N LEU A 147 15.67 11.36 16.01
CA LEU A 147 14.63 12.01 16.78
C LEU A 147 15.24 13.03 17.73
N THR A 148 16.56 13.06 17.81
CA THR A 148 17.23 13.97 18.74
C THR A 148 18.15 14.98 18.06
N ASP A 149 18.25 14.95 16.74
CA ASP A 149 19.05 15.96 16.06
C ASP A 149 18.33 17.27 16.18
N PRO A 150 18.99 18.27 16.77
CA PRO A 150 18.38 19.58 16.92
C PRO A 150 18.12 20.17 15.56
N ARG A 151 18.81 19.70 14.54
CA ARG A 151 18.55 20.14 13.18
C ARG A 151 17.15 19.72 12.78
N VAL A 152 16.54 18.82 13.52
CA VAL A 152 15.20 18.38 13.23
C VAL A 152 14.31 19.06 14.22
N SER A 153 13.09 19.40 13.83
CA SER A 153 12.16 20.02 14.75
C SER A 153 10.92 19.17 14.87
N SER A 154 10.17 19.35 15.95
CA SER A 154 8.99 18.54 16.17
C SER A 154 7.75 19.40 16.36
N ILE A 155 6.60 18.86 15.98
CA ILE A 155 5.38 19.66 16.03
C ILE A 155 4.29 19.03 16.88
N SER B 3 -27.47 -0.46 3.18
CA SER B 3 -27.80 0.96 3.49
C SER B 3 -26.79 1.51 4.49
N TYR B 4 -25.65 1.99 3.96
CA TYR B 4 -24.54 2.49 4.76
C TYR B 4 -24.61 4.01 4.85
N ASP B 5 -25.80 4.52 5.16
CA ASP B 5 -26.01 5.94 5.36
C ASP B 5 -25.67 6.33 6.81
N TRP B 6 -25.63 5.35 7.72
CA TRP B 6 -25.35 5.61 9.13
C TRP B 6 -23.89 6.04 9.37
N LEU B 7 -23.02 5.85 8.38
CA LEU B 7 -21.60 6.14 8.53
C LEU B 7 -21.36 7.65 8.65
N ASN B 8 -22.18 8.46 7.94
CA ASN B 8 -22.04 9.91 7.92
C ASN B 8 -22.11 10.51 9.34
N ALA B 9 -22.69 9.76 10.28
CA ALA B 9 -22.75 10.18 11.67
C ALA B 9 -21.39 10.06 12.37
N LEU B 10 -20.42 9.36 11.76
CA LEU B 10 -19.10 9.23 12.36
C LEU B 10 -18.18 10.31 11.83
N ASN B 11 -17.28 10.81 12.68
CA ASN B 11 -16.29 11.79 12.28
C ASN B 11 -15.04 11.06 11.78
N ASN B 12 -14.01 11.83 11.44
CA ASN B 12 -12.85 11.33 10.71
C ASN B 12 -12.11 10.28 11.53
N LEU B 13 -11.82 10.60 12.81
CA LEU B 13 -11.01 9.71 13.62
C LEU B 13 -11.77 8.41 13.90
N GLU B 14 -13.08 8.51 14.12
CA GLU B 14 -13.89 7.33 14.35
C GLU B 14 -13.97 6.48 13.08
N LEU B 15 -13.98 7.12 11.90
CA LEU B 15 -14.00 6.37 10.65
C LEU B 15 -12.69 5.60 10.48
N LEU B 16 -11.56 6.26 10.73
CA LEU B 16 -10.25 5.63 10.61
C LEU B 16 -10.16 4.48 11.62
N SER B 17 -10.64 4.70 12.85
CA SER B 17 -10.66 3.64 13.85
C SER B 17 -11.47 2.46 13.34
N LEU B 18 -12.63 2.72 12.74
CA LEU B 18 -13.52 1.66 12.27
C LEU B 18 -12.81 0.88 11.15
N HIS B 19 -12.05 1.56 10.31
CA HIS B 19 -11.32 0.89 9.25
C HIS B 19 -10.33 -0.11 9.85
N SER B 20 -9.45 0.40 10.71
CA SER B 20 -8.39 -0.45 11.30
C SER B 20 -9.03 -1.58 12.10
N GLU B 21 -10.11 -1.28 12.79
CA GLU B 21 -10.78 -2.30 13.59
C GLU B 21 -11.32 -3.40 12.67
N ILE B 22 -11.95 -3.01 11.55
CA ILE B 22 -12.44 -4.01 10.60
C ILE B 22 -11.28 -4.87 10.11
N LEU B 23 -10.13 -4.25 9.87
CA LEU B 23 -8.94 -4.98 9.46
C LEU B 23 -8.56 -6.00 10.54
N THR B 24 -8.68 -5.62 11.81
CA THR B 24 -8.30 -6.50 12.89
C THR B 24 -9.26 -7.67 13.01
N GLN B 25 -10.53 -7.49 12.63
CA GLN B 25 -11.48 -8.59 12.57
C GLN B 25 -11.04 -9.65 11.56
N LEU B 26 -10.81 -9.23 10.32
CA LEU B 26 -10.46 -10.17 9.27
C LEU B 26 -9.15 -10.86 9.62
N ARG B 27 -8.23 -10.16 10.29
CA ARG B 27 -6.98 -10.75 10.74
C ARG B 27 -7.27 -11.80 11.81
N SER B 28 -8.16 -11.51 12.75
CA SER B 28 -8.51 -12.46 13.80
C SER B 28 -9.25 -13.66 13.20
N ARG B 29 -9.94 -13.48 12.06
CA ARG B 29 -10.55 -14.62 11.40
C ARG B 29 -9.58 -15.37 10.50
N GLY B 30 -8.38 -14.83 10.31
CA GLY B 30 -7.39 -15.44 9.43
C GLY B 30 -7.53 -15.04 7.96
N VAL B 31 -8.32 -14.02 7.67
CA VAL B 31 -8.55 -13.62 6.27
C VAL B 31 -7.33 -12.88 5.76
N ILE B 32 -6.72 -12.06 6.60
CA ILE B 32 -5.54 -11.29 6.23
C ILE B 32 -4.39 -11.55 7.21
N ARG B 33 -3.15 -11.22 6.82
CA ARG B 33 -1.97 -11.43 7.69
C ARG B 33 -1.32 -10.10 8.06
N THR B 34 -1.71 -9.00 7.44
CA THR B 34 -1.00 -7.71 7.65
C THR B 34 -1.92 -6.53 7.91
N LYS B 35 -1.31 -5.36 8.14
CA LYS B 35 -2.09 -4.11 8.31
C LYS B 35 -1.99 -3.34 6.98
N ASN B 36 -1.67 -4.05 5.89
CA ASN B 36 -1.61 -3.43 4.54
C ASN B 36 -3.01 -3.46 3.90
N ASN B 37 -3.07 -3.48 2.57
CA ASN B 37 -4.36 -3.47 1.82
C ASN B 37 -5.07 -4.81 1.96
N PRO B 38 -6.33 -4.84 2.41
CA PRO B 38 -7.02 -6.11 2.64
C PRO B 38 -7.16 -6.92 1.35
N VAL B 39 -7.10 -6.26 0.20
CA VAL B 39 -7.29 -6.92 -1.13
C VAL B 39 -6.24 -8.00 -1.37
N GLY B 40 -4.97 -7.70 -1.14
CA GLY B 40 -3.88 -8.64 -1.47
C GLY B 40 -3.93 -9.90 -0.63
N ASP B 41 -4.12 -9.73 0.67
CA ASP B 41 -4.13 -10.91 1.54
C ASP B 41 -5.46 -11.62 1.41
N TYR B 42 -6.53 -10.87 1.13
CA TYR B 42 -7.82 -11.47 0.86
C TYR B 42 -7.76 -12.28 -0.42
N ALA B 43 -7.06 -11.76 -1.43
CA ALA B 43 -6.83 -12.51 -2.65
C ALA B 43 -6.04 -13.79 -2.33
N GLU B 44 -4.84 -13.63 -1.76
CA GLU B 44 -4.04 -14.77 -1.30
C GLU B 44 -4.88 -15.77 -0.52
N TRP B 45 -5.71 -15.26 0.42
CA TRP B 45 -6.65 -16.10 1.15
C TRP B 45 -7.64 -16.77 0.20
N LEU B 46 -8.13 -16.01 -0.79
CA LEU B 46 -9.17 -16.51 -1.67
C LEU B 46 -8.59 -17.61 -2.55
N VAL B 47 -7.43 -17.40 -3.13
CA VAL B 47 -6.86 -18.31 -4.12
C VAL B 47 -6.56 -19.66 -3.46
N SER B 48 -5.94 -19.61 -2.27
CA SER B 48 -5.41 -20.81 -1.66
C SER B 48 -6.55 -21.68 -1.15
N ASN B 49 -7.43 -21.09 -0.36
CA ASN B 49 -8.47 -21.85 0.31
C ASN B 49 -9.54 -22.28 -0.68
N ALA B 50 -9.41 -21.94 -1.98
CA ALA B 50 -10.37 -22.34 -3.00
C ALA B 50 -9.73 -23.31 -4.00
N LEU B 51 -8.43 -23.12 -4.28
CA LEU B 51 -7.75 -23.95 -5.25
C LEU B 51 -6.82 -24.94 -4.56
N GLY B 52 -6.96 -25.11 -3.23
CA GLY B 52 -6.11 -26.04 -2.49
C GLY B 52 -4.62 -25.69 -2.59
N MET B 53 -4.21 -24.64 -1.86
CA MET B 53 -2.83 -24.19 -1.85
C MET B 53 -2.36 -23.98 -0.41
N THR B 54 -1.04 -23.77 -0.25
CA THR B 54 -0.47 -23.53 1.06
C THR B 54 0.30 -22.22 1.04
N LEU B 55 -0.08 -21.31 1.93
CA LEU B 55 0.53 -20.00 2.00
C LEU B 55 1.98 -20.08 2.47
N LEU B 56 2.74 -19.03 2.19
CA LEU B 56 4.09 -18.83 2.70
C LEU B 56 4.21 -17.35 3.11
N SER B 57 3.98 -17.04 4.37
CA SER B 57 4.20 -15.69 4.90
C SER B 57 5.64 -15.20 4.64
N ASN B 58 6.57 -16.14 4.50
CA ASN B 58 7.89 -15.84 3.95
C ASN B 58 7.77 -15.55 2.44
N SER B 59 6.96 -14.54 2.12
CA SER B 59 6.69 -14.15 0.74
C SER B 59 7.93 -13.51 0.13
N SER B 60 9.09 -14.17 0.20
CA SER B 60 10.32 -13.47 -0.24
C SER B 60 10.80 -13.97 -1.60
N ALA B 61 10.67 -15.27 -1.85
CA ALA B 61 11.22 -15.82 -3.11
C ALA B 61 10.50 -15.20 -4.29
N GLY B 62 9.43 -14.44 -4.04
CA GLY B 62 8.62 -13.96 -5.17
C GLY B 62 7.45 -14.90 -5.33
N ALA B 63 7.38 -15.91 -4.48
CA ALA B 63 6.22 -16.83 -4.48
C ALA B 63 5.39 -16.61 -3.21
N ASP B 64 4.09 -16.87 -3.30
CA ASP B 64 3.19 -16.61 -2.14
C ASP B 64 2.52 -17.91 -1.69
N ALA B 65 2.62 -18.99 -2.48
CA ALA B 65 1.92 -20.23 -2.12
C ALA B 65 2.38 -21.44 -2.92
N ILE B 66 2.20 -22.64 -2.36
CA ILE B 66 2.50 -23.89 -3.11
C ILE B 66 1.16 -24.56 -3.42
N ASP B 67 1.07 -25.24 -4.55
CA ASP B 67 -0.22 -25.83 -4.98
C ASP B 67 -0.26 -27.33 -4.67
N ALA B 68 -1.35 -28.01 -5.03
CA ALA B 68 -1.50 -29.46 -4.80
C ALA B 68 -0.46 -30.25 -5.60
N ASP B 69 -0.14 -29.78 -6.79
CA ASP B 69 0.83 -30.49 -7.65
C ASP B 69 2.22 -30.33 -7.04
N GLY B 70 2.43 -29.29 -6.25
CA GLY B 70 3.75 -29.06 -5.63
C GLY B 70 4.55 -28.02 -6.41
N LEU B 71 3.89 -26.92 -6.81
CA LEU B 71 4.57 -25.87 -7.61
C LEU B 71 4.49 -24.53 -6.89
N LYS B 72 5.43 -23.64 -7.19
CA LYS B 72 5.45 -22.28 -6.58
C LYS B 72 4.52 -21.34 -7.35
N VAL B 73 3.78 -20.49 -6.63
CA VAL B 73 2.81 -19.56 -7.27
C VAL B 73 2.93 -18.16 -6.67
N GLN B 74 3.10 -17.14 -7.50
CA GLN B 74 3.08 -15.74 -7.01
C GLN B 74 1.64 -15.23 -7.10
N ILE B 75 1.12 -14.62 -6.03
CA ILE B 75 -0.30 -14.21 -6.02
C ILE B 75 -0.33 -12.67 -5.95
N LYS B 76 -0.93 -12.04 -6.96
CA LYS B 76 -0.98 -10.56 -7.01
C LYS B 76 -2.40 -10.15 -7.42
N ALA B 77 -3.03 -9.25 -6.65
CA ALA B 77 -4.44 -8.87 -6.93
C ALA B 77 -4.52 -7.36 -7.22
N ARG B 78 -5.68 -6.88 -7.67
CA ARG B 78 -5.85 -5.43 -7.93
C ARG B 78 -7.33 -5.08 -8.06
N ARG B 79 -7.70 -3.91 -7.55
CA ARG B 79 -9.13 -3.49 -7.59
C ARG B 79 -9.26 -2.33 -8.57
N VAL B 80 -9.62 -2.63 -9.81
CA VAL B 80 -9.83 -1.56 -10.83
C VAL B 80 -11.30 -1.15 -10.80
N THR B 81 -11.56 0.15 -10.60
CA THR B 81 -12.95 0.65 -10.66
C THR B 81 -13.00 1.72 -11.76
N PRO B 82 -13.73 1.49 -12.88
CA PRO B 82 -13.86 2.49 -13.93
C PRO B 82 -13.87 3.91 -13.37
N ASN B 84 -9.48 4.39 -11.16
CA ASN B 84 -8.24 3.99 -11.88
C ASN B 84 -8.47 2.63 -12.53
N PRO B 85 -8.72 2.60 -13.85
CA PRO B 85 -8.90 1.36 -14.60
C PRO B 85 -7.56 0.78 -15.08
N SER B 86 -6.43 1.39 -14.70
CA SER B 86 -5.13 0.80 -14.97
C SER B 86 -4.96 -0.56 -14.29
N ARG B 87 -4.38 -1.53 -15.02
CA ARG B 87 -4.23 -2.89 -14.54
C ARG B 87 -2.74 -3.23 -14.43
N GLN B 88 -1.99 -2.31 -13.83
CA GLN B 88 -0.55 -2.51 -13.68
C GLN B 88 -0.26 -3.25 -12.36
N LEU B 89 0.34 -4.43 -12.47
CA LEU B 89 0.52 -5.29 -11.30
C LEU B 89 1.66 -4.75 -10.45
N SER B 90 1.78 -5.32 -9.24
CA SER B 90 2.83 -4.97 -8.32
C SER B 90 4.18 -5.38 -8.89
N ALA B 91 5.24 -4.82 -8.32
CA ALA B 91 6.60 -5.10 -8.76
C ALA B 91 6.95 -6.58 -8.61
N LEU B 92 7.53 -7.16 -9.66
CA LEU B 92 8.27 -8.41 -9.56
C LEU B 92 9.76 -8.09 -9.38
N ARG B 93 10.08 -7.46 -8.23
CA ARG B 93 11.39 -6.85 -8.06
C ARG B 93 12.52 -7.81 -8.45
N ASN B 94 12.41 -9.08 -8.06
CA ASN B 94 13.25 -10.12 -8.62
C ASN B 94 12.39 -11.12 -9.36
N TYR B 95 12.48 -11.10 -10.70
CA TYR B 95 11.85 -12.09 -11.54
C TYR B 95 12.90 -12.92 -12.28
N GLU B 96 14.09 -12.35 -12.48
CA GLU B 96 15.15 -13.01 -13.24
C GLU B 96 15.47 -14.38 -12.63
N ALA B 97 15.44 -14.46 -11.29
CA ALA B 97 15.67 -15.70 -10.57
C ALA B 97 14.56 -16.71 -10.84
N ALA B 98 13.35 -16.23 -11.11
CA ALA B 98 12.25 -17.09 -11.51
C ALA B 98 11.88 -18.05 -10.38
N ASP B 99 11.36 -17.47 -9.29
CA ASP B 99 11.04 -18.25 -8.10
C ASP B 99 9.55 -18.60 -8.03
N PHE B 100 8.87 -18.62 -9.18
CA PHE B 100 7.53 -19.17 -9.27
C PHE B 100 7.34 -19.83 -10.62
N ASP B 101 6.36 -20.73 -10.70
CA ASP B 101 6.12 -21.53 -11.89
C ASP B 101 5.03 -20.88 -12.76
N TYR B 102 3.92 -20.44 -12.13
CA TYR B 102 2.88 -19.71 -12.82
C TYR B 102 2.32 -18.64 -11.90
N LEU B 103 2.08 -17.44 -12.45
CA LEU B 103 1.56 -16.34 -11.67
C LEU B 103 0.05 -16.30 -11.82
N ILE B 104 -0.63 -15.95 -10.71
CA ILE B 104 -2.08 -15.77 -10.73
C ILE B 104 -2.38 -14.32 -10.32
N ALA B 105 -3.00 -13.59 -11.25
CA ALA B 105 -3.44 -12.22 -11.01
C ALA B 105 -4.98 -12.20 -11.01
N VAL B 106 -5.55 -11.54 -10.01
CA VAL B 106 -6.98 -11.53 -9.77
C VAL B 106 -7.42 -10.08 -9.68
N ILE B 107 -8.56 -9.78 -10.30
CA ILE B 107 -8.97 -8.41 -10.53
C ILE B 107 -10.29 -8.19 -9.81
N PHE B 108 -10.36 -7.16 -8.97
CA PHE B 108 -11.53 -6.90 -8.15
C PHE B 108 -12.19 -5.58 -8.57
N ASP B 109 -13.45 -5.42 -8.17
CA ASP B 109 -14.14 -4.14 -8.23
C ASP B 109 -14.29 -3.61 -6.80
N GLU B 110 -14.93 -2.44 -6.68
CA GLU B 110 -15.02 -1.73 -5.42
C GLU B 110 -15.51 -2.62 -4.28
N THR B 111 -16.45 -3.53 -4.58
CA THR B 111 -17.06 -4.37 -3.56
C THR B 111 -16.34 -5.70 -3.35
N TYR B 112 -15.07 -5.82 -3.82
CA TYR B 112 -14.28 -7.03 -3.66
C TYR B 112 -14.95 -8.21 -4.36
N ASN B 113 -15.24 -8.04 -5.65
CA ASN B 113 -15.82 -9.09 -6.47
C ASN B 113 -14.94 -9.34 -7.68
N ILE B 114 -14.96 -10.58 -8.17
CA ILE B 114 -14.00 -11.02 -9.16
C ILE B 114 -14.54 -10.61 -10.54
N LEU B 115 -13.89 -9.62 -11.14
CA LEU B 115 -14.13 -9.28 -12.53
C LEU B 115 -13.33 -10.19 -13.45
N ASP B 116 -12.01 -10.20 -13.27
CA ASP B 116 -11.12 -11.06 -14.06
C ASP B 116 -10.16 -11.80 -13.14
N ALA B 117 -9.76 -13.00 -13.58
CA ALA B 117 -8.70 -13.75 -12.93
C ALA B 117 -8.05 -14.65 -13.98
N TYR B 118 -6.72 -14.60 -14.03
CA TYR B 118 -5.95 -15.38 -14.99
C TYR B 118 -4.86 -16.19 -14.29
N LYS B 119 -4.58 -17.38 -14.84
CA LYS B 119 -3.39 -18.13 -14.47
C LYS B 119 -2.39 -17.91 -15.60
N ILE B 120 -1.47 -16.99 -15.33
CA ILE B 120 -0.53 -16.57 -16.35
C ILE B 120 0.81 -17.19 -16.04
N PRO B 121 1.37 -18.06 -16.91
CA PRO B 121 2.67 -18.71 -16.66
C PRO B 121 3.94 -17.84 -16.74
N HIS B 122 5.05 -18.37 -16.21
CA HIS B 122 6.33 -17.60 -16.10
C HIS B 122 6.93 -17.11 -17.43
N GLU B 123 7.04 -17.96 -18.45
CA GLU B 123 7.71 -17.47 -19.69
C GLU B 123 6.79 -16.46 -20.39
N VAL B 124 5.48 -16.60 -20.16
CA VAL B 124 4.53 -15.67 -20.83
C VAL B 124 4.67 -14.34 -20.10
N ILE B 125 4.97 -14.40 -18.80
CA ILE B 125 5.28 -13.15 -18.05
C ILE B 125 6.54 -12.55 -18.65
N ARG B 126 7.54 -13.38 -18.99
CA ARG B 126 8.81 -12.87 -19.59
C ARG B 126 8.54 -12.21 -20.95
N ASP B 127 7.52 -12.65 -21.67
CA ASP B 127 7.28 -12.11 -23.04
C ASP B 127 6.64 -10.72 -23.10
N TYR B 128 6.14 -10.14 -21.99
CA TYR B 128 5.44 -8.87 -21.96
C TYR B 128 5.88 -7.99 -20.80
N ALA B 129 7.00 -8.33 -20.14
CA ALA B 129 7.43 -7.58 -18.97
C ALA B 129 8.32 -6.42 -19.39
N ARG B 130 8.26 -5.34 -18.61
CA ARG B 130 9.16 -4.20 -18.77
C ARG B 130 9.73 -3.86 -17.40
N HIS B 131 10.95 -3.33 -17.42
CA HIS B 131 11.73 -3.10 -16.22
C HIS B 131 11.81 -1.61 -15.96
N SER B 132 11.52 -1.24 -14.70
CA SER B 132 11.56 0.14 -14.27
C SER B 132 12.91 0.39 -13.60
N ASP B 133 13.74 1.22 -14.23
CA ASP B 133 15.04 1.55 -13.66
C ASP B 133 14.86 2.27 -12.32
N HIS B 134 13.74 3.00 -12.18
CA HIS B 134 13.51 3.82 -11.00
C HIS B 134 13.45 2.93 -9.76
N VAL B 135 12.65 1.86 -9.82
CA VAL B 135 12.34 1.05 -8.66
C VAL B 135 13.12 -0.28 -8.69
N ASN B 136 13.91 -0.53 -9.73
CA ASN B 136 14.64 -1.78 -9.88
C ASN B 136 13.68 -2.96 -9.79
N ALA B 137 12.71 -3.01 -10.70
CA ALA B 137 11.67 -4.02 -10.67
C ALA B 137 10.99 -4.13 -12.04
N HIS B 138 10.56 -5.35 -12.38
CA HIS B 138 9.83 -5.60 -13.62
C HIS B 138 8.34 -5.36 -13.37
N ILE B 139 7.68 -4.83 -14.41
CA ILE B 139 6.30 -4.43 -14.32
C ILE B 139 5.53 -5.04 -15.50
N VAL B 140 4.28 -5.42 -15.19
CA VAL B 140 3.41 -6.09 -16.14
C VAL B 140 2.01 -5.49 -16.01
N ASN B 141 1.32 -5.41 -17.15
CA ASN B 141 -0.07 -4.97 -17.20
C ASN B 141 -0.89 -6.03 -17.93
N LEU B 142 -2.15 -6.18 -17.50
CA LEU B 142 -3.03 -7.20 -18.07
C LEU B 142 -4.13 -6.53 -18.90
N LYS B 143 -3.75 -6.11 -20.10
CA LYS B 143 -4.69 -5.49 -21.02
C LYS B 143 -4.12 -5.63 -22.43
N GLY B 144 -4.92 -6.23 -23.32
CA GLY B 144 -4.60 -6.34 -24.73
C GLY B 144 -3.86 -7.64 -25.04
N ALA B 145 -2.62 -7.50 -25.53
CA ALA B 145 -1.89 -8.64 -26.09
C ALA B 145 -1.74 -9.76 -25.07
N ILE B 146 -1.60 -9.40 -23.80
CA ILE B 146 -1.39 -10.35 -22.72
C ILE B 146 -2.60 -11.27 -22.59
N LEU B 147 -3.79 -10.69 -22.76
CA LEU B 147 -5.03 -11.42 -22.58
C LEU B 147 -5.27 -12.34 -23.78
N THR B 148 -4.78 -11.94 -24.96
CA THR B 148 -5.02 -12.68 -26.19
C THR B 148 -3.98 -13.77 -26.40
N ASP B 149 -2.97 -13.81 -25.52
CA ASP B 149 -1.93 -14.83 -25.62
C ASP B 149 -2.55 -16.20 -25.42
N PRO B 150 -2.27 -17.17 -26.32
CA PRO B 150 -2.85 -18.51 -26.17
C PRO B 150 -2.31 -19.29 -24.99
N ARG B 151 -1.32 -18.74 -24.27
CA ARG B 151 -0.71 -19.44 -23.14
C ARG B 151 -1.19 -18.91 -21.80
N VAL B 152 -2.24 -18.09 -21.81
CA VAL B 152 -2.86 -17.56 -20.62
C VAL B 152 -4.33 -17.91 -20.62
N SER B 153 -4.83 -18.42 -19.51
CA SER B 153 -6.20 -18.87 -19.33
C SER B 153 -6.84 -18.15 -18.17
N SER B 154 -8.13 -18.39 -17.95
CA SER B 154 -8.85 -17.83 -16.82
C SER B 154 -9.27 -18.93 -15.85
#